data_8HNB
#
_entry.id   8HNB
#
loop_
_entity.id
_entity.type
_entity.pdbx_description
1 polymer 'Solute carrier organic anion transporter family member 1B1'
2 branched 2-acetamido-2-deoxy-beta-D-glucopyranose-(1-4)-2-acetamido-2-deoxy-beta-D-glucopyranose
3 non-polymer 2-acetamido-2-deoxy-beta-D-glucopyranose
#
_entity_poly.entity_id   1
_entity_poly.type   'polypeptide(L)'
_entity_poly.pdbx_seq_one_letter_code
;MADYKDDDDKSGPDEVDASGRMDQNQHLNKTAEAQPSENKKTRYCNGLKMFLAALSLSFIAKTLGAIIMKSSIIHIERRF
EISSSLVGFIDGSFEIGNLLVIVFVSYFGSKLHRPKLIGIGCFIMGIGGVLTALPHFFMGYYRYSKETNINSSENSTSTL
STCLINQILSLNRASPEIVGKGCLKESGSYMWIYVFMGNMLRGIGETPIVPLGLSYIDDFAKEGHSSLYLGILNAIAMIG
PIIGFTLGSLFSKMYVDIGYVDLSTIRITPTDSRWVGAWWLNFLVSGLFSIISSIPFFFLPQTPNKPQKERKASLSLHVL
ETNDEKDQTANLTNQGKNITKNVTGFFQSFKSILTNPLYVMFVLLTLLQVSSYIGAFTYVFKYVEQQYGQPSSKANILLG
VITIPIFASGMFLGGYIIKKFKLNTVGIAKFSCFTAVMSLSFYLLYFFILCENKSVAGLTMTYDGNNPVTSHRDVPLSYC
NSDCNCDESQWEPVCGNNGITYISPCLAGCKSSSGNKKPIVFYNCSCLEVTGLQNRNYSAHLGECPRDDACTRKFYFFVA
IQVLNLFFSALGGTSHVMLIVKIVQPELKSLALGFHSMVIRALGGILAPIYFGALIDTTCIKWSTNNCGTRGSCRTYNST
SFSRVYLGLSSMLRVSSLVLYIILIYAMKKKYQEKDINASENGSVMDEANLESLNKNKHFVPSAGADSETHC
;
_entity_poly.pdbx_strand_id   A
#
loop_
_chem_comp.id
_chem_comp.type
_chem_comp.name
_chem_comp.formula
NAG D-saccharide, beta linking 2-acetamido-2-deoxy-beta-D-glucopyranose 'C8 H15 N O6'
#
# COMPACT_ATOMS: atom_id res chain seq x y z
N ASN A 46 -22.41 -30.29 8.51
CA ASN A 46 -21.55 -29.24 7.98
C ASN A 46 -20.58 -29.78 6.93
N GLY A 47 -19.89 -30.87 7.26
CA GLY A 47 -18.96 -31.49 6.33
C GLY A 47 -17.90 -30.48 5.92
N LEU A 48 -17.70 -30.32 4.62
CA LEU A 48 -16.72 -29.37 4.12
C LEU A 48 -16.79 -28.02 4.82
N LYS A 49 -17.97 -27.64 5.28
CA LYS A 49 -18.11 -26.33 5.90
C LYS A 49 -17.15 -26.15 7.08
N MET A 50 -16.82 -27.25 7.75
CA MET A 50 -15.91 -27.21 8.89
C MET A 50 -14.54 -26.73 8.41
N PHE A 51 -14.04 -27.35 7.35
CA PHE A 51 -12.75 -26.96 6.79
C PHE A 51 -12.83 -25.52 6.32
N LEU A 52 -13.98 -25.15 5.78
CA LEU A 52 -14.22 -23.79 5.31
C LEU A 52 -14.13 -22.84 6.49
N ALA A 53 -14.73 -23.24 7.61
CA ALA A 53 -14.70 -22.42 8.82
C ALA A 53 -13.28 -22.20 9.32
N ALA A 54 -12.44 -23.22 9.40
CA ALA A 54 -11.08 -22.93 9.79
C ALA A 54 -10.36 -22.15 8.69
N LEU A 55 -10.65 -22.45 7.41
CA LEU A 55 -9.96 -21.74 6.31
C LEU A 55 -10.24 -20.25 6.39
N SER A 56 -11.46 -19.87 6.70
CA SER A 56 -11.78 -18.49 6.88
C SER A 56 -10.99 -17.90 8.04
N LEU A 57 -10.88 -18.66 9.13
CA LEU A 57 -10.13 -18.21 10.29
C LEU A 57 -8.65 -18.04 9.94
N SER A 58 -8.08 -18.94 9.15
CA SER A 58 -6.67 -18.77 8.79
C SER A 58 -6.54 -17.61 7.83
N PHE A 59 -7.52 -17.39 6.95
CA PHE A 59 -7.41 -16.20 6.08
C PHE A 59 -7.38 -14.95 6.97
N ILE A 60 -8.30 -14.85 7.92
CA ILE A 60 -8.30 -13.68 8.81
C ILE A 60 -6.94 -13.51 9.43
N ALA A 61 -6.36 -14.59 9.96
CA ALA A 61 -5.06 -14.49 10.60
C ALA A 61 -3.98 -14.03 9.63
N LYS A 62 -3.97 -14.58 8.42
CA LYS A 62 -2.95 -14.23 7.44
C LYS A 62 -3.06 -12.77 7.02
N THR A 63 -4.27 -12.33 6.68
CA THR A 63 -4.45 -10.94 6.25
C THR A 63 -4.19 -9.99 7.41
N LEU A 64 -4.57 -10.37 8.62
CA LEU A 64 -4.31 -9.50 9.76
C LEU A 64 -2.81 -9.39 9.88
N GLY A 65 -2.09 -10.46 9.59
CA GLY A 65 -0.65 -10.44 9.68
C GLY A 65 -0.02 -9.43 8.74
N ALA A 66 -0.50 -9.35 7.51
CA ALA A 66 0.07 -8.41 6.55
C ALA A 66 -0.11 -6.95 6.97
N ILE A 67 -1.32 -6.59 7.40
CA ILE A 67 -1.57 -5.22 7.82
C ILE A 67 -0.87 -4.84 9.13
N ILE A 68 -0.73 -5.77 10.06
CA ILE A 68 -0.14 -5.40 11.35
C ILE A 68 1.33 -5.03 11.23
N MET A 69 2.07 -5.71 10.36
CA MET A 69 3.47 -5.38 10.15
C MET A 69 3.59 -4.00 9.55
N LYS A 70 2.70 -3.70 8.60
CA LYS A 70 2.68 -2.40 7.94
C LYS A 70 2.36 -1.30 8.94
N SER A 71 1.44 -1.57 9.85
CA SER A 71 1.08 -0.59 10.86
C SER A 71 2.28 -0.29 11.77
N SER A 72 3.03 -1.34 12.12
CA SER A 72 4.20 -1.19 12.99
C SER A 72 5.50 -0.89 12.25
N ILE A 73 5.52 -0.95 10.93
CA ILE A 73 6.78 -0.72 10.22
C ILE A 73 7.35 0.68 10.46
N ILE A 74 6.47 1.70 10.55
CA ILE A 74 6.92 3.05 10.80
C ILE A 74 7.23 3.24 12.28
N HIS A 75 6.44 2.61 13.15
CA HIS A 75 6.65 2.73 14.59
C HIS A 75 7.90 2.04 15.09
N ILE A 76 8.19 0.87 14.53
CA ILE A 76 9.33 0.06 14.94
C ILE A 76 10.69 0.74 14.72
N GLU A 77 10.83 1.56 13.69
CA GLU A 77 12.15 2.15 13.44
C GLU A 77 12.64 3.04 14.58
N ARG A 78 11.77 3.85 15.16
CA ARG A 78 12.17 4.79 16.22
C ARG A 78 12.68 4.19 17.53
N ARG A 79 12.02 3.15 18.03
CA ARG A 79 12.42 2.54 19.30
C ARG A 79 13.67 1.72 19.08
N PHE A 80 13.58 0.77 18.17
CA PHE A 80 14.70 -0.11 17.86
C PHE A 80 15.99 0.61 17.50
N GLU A 81 15.86 1.84 16.99
CA GLU A 81 16.97 2.67 16.51
C GLU A 81 17.72 1.95 15.39
N ILE A 82 16.93 1.35 14.50
CA ILE A 82 17.39 0.57 13.37
C ILE A 82 17.44 1.49 12.14
N SER A 83 18.34 1.20 11.20
CA SER A 83 18.51 2.02 10.01
C SER A 83 17.35 1.82 9.05
N SER A 84 16.91 2.89 8.40
CA SER A 84 15.78 2.80 7.49
C SER A 84 16.03 1.72 6.45
N SER A 85 17.26 1.62 5.97
CA SER A 85 17.59 0.60 4.99
C SER A 85 17.26 -0.77 5.55
N LEU A 86 17.72 -1.03 6.77
CA LEU A 86 17.42 -2.30 7.41
C LEU A 86 15.92 -2.46 7.56
N VAL A 87 15.25 -1.36 7.89
CA VAL A 87 13.80 -1.41 8.08
C VAL A 87 13.17 -2.01 6.84
N GLY A 88 13.59 -1.55 5.66
CA GLY A 88 13.09 -2.12 4.43
C GLY A 88 13.51 -3.57 4.40
N PHE A 89 14.80 -3.82 4.55
CA PHE A 89 15.30 -5.20 4.58
C PHE A 89 14.46 -6.07 5.53
N ILE A 90 13.96 -5.49 6.62
CA ILE A 90 13.11 -6.25 7.53
C ILE A 90 11.82 -6.66 6.85
N ASP A 91 11.20 -5.74 6.09
CA ASP A 91 10.03 -6.13 5.31
C ASP A 91 10.40 -7.16 4.23
N GLY A 92 11.57 -7.01 3.64
CA GLY A 92 12.00 -8.00 2.68
C GLY A 92 12.02 -9.37 3.31
N SER A 93 12.13 -9.43 4.64
CA SER A 93 12.23 -10.72 5.32
C SER A 93 10.96 -11.56 5.12
N PHE A 94 9.80 -10.98 5.35
CA PHE A 94 8.56 -11.72 5.19
C PHE A 94 8.49 -12.18 3.74
N GLU A 95 8.87 -11.32 2.82
CA GLU A 95 8.83 -11.67 1.42
C GLU A 95 9.69 -12.88 1.15
N ILE A 96 10.95 -12.84 1.55
CA ILE A 96 11.85 -13.94 1.24
C ILE A 96 11.34 -15.23 1.85
N GLY A 97 10.80 -15.16 3.06
CA GLY A 97 10.24 -16.34 3.68
C GLY A 97 9.22 -16.98 2.76
N ASN A 98 8.13 -16.25 2.53
CA ASN A 98 7.03 -16.71 1.70
C ASN A 98 7.41 -16.98 0.25
N LEU A 99 8.02 -16.00 -0.40
CA LEU A 99 8.40 -16.13 -1.80
C LEU A 99 9.40 -17.24 -2.07
N LEU A 100 10.39 -17.38 -1.18
CA LEU A 100 11.42 -18.38 -1.37
C LEU A 100 10.96 -19.85 -1.35
N VAL A 101 10.07 -20.19 -0.42
CA VAL A 101 9.60 -21.57 -0.31
C VAL A 101 8.21 -21.89 -0.86
N ILE A 102 7.54 -20.91 -1.45
CA ILE A 102 6.19 -21.16 -1.95
C ILE A 102 6.10 -22.19 -3.09
N VAL A 103 7.05 -22.18 -4.01
CA VAL A 103 7.04 -23.11 -5.14
C VAL A 103 7.36 -24.55 -4.72
N PHE A 104 7.76 -24.72 -3.48
CA PHE A 104 8.10 -26.04 -2.92
C PHE A 104 6.98 -26.57 -2.04
N VAL A 105 6.49 -25.74 -1.13
CA VAL A 105 5.41 -26.18 -0.25
C VAL A 105 4.20 -26.55 -1.06
N SER A 106 3.90 -25.76 -2.08
CA SER A 106 2.73 -26.03 -2.91
C SER A 106 2.83 -27.38 -3.58
N TYR A 107 3.85 -27.57 -4.41
CA TYR A 107 3.97 -28.82 -5.15
C TYR A 107 4.05 -30.04 -4.25
N PHE A 108 4.97 -30.02 -3.29
CA PHE A 108 5.18 -31.15 -2.37
C PHE A 108 4.03 -31.41 -1.39
N GLY A 109 3.46 -30.34 -0.86
CA GLY A 109 2.38 -30.41 0.11
C GLY A 109 1.10 -31.06 -0.37
N SER A 110 0.79 -30.86 -1.65
CA SER A 110 -0.46 -31.40 -2.19
C SER A 110 -0.56 -32.91 -2.06
N LYS A 111 0.54 -33.63 -2.24
CA LYS A 111 0.52 -35.10 -2.10
C LYS A 111 0.20 -35.47 -0.65
N LEU A 112 0.74 -34.72 0.29
CA LEU A 112 0.53 -34.97 1.72
C LEU A 112 -0.87 -34.57 2.21
N HIS A 113 -1.18 -34.88 3.48
CA HIS A 113 -2.47 -34.58 4.05
C HIS A 113 -2.62 -33.06 3.97
N ARG A 114 -3.74 -32.58 3.44
CA ARG A 114 -3.92 -31.16 3.25
C ARG A 114 -4.53 -30.44 4.44
N PRO A 115 -5.48 -31.06 5.16
CA PRO A 115 -6.01 -30.34 6.32
C PRO A 115 -5.02 -30.14 7.46
N LYS A 116 -4.02 -31.00 7.59
CA LYS A 116 -3.04 -30.88 8.66
C LYS A 116 -1.93 -29.87 8.40
N LEU A 117 -1.41 -29.78 7.19
CA LEU A 117 -0.27 -28.97 6.79
C LEU A 117 -0.61 -27.50 6.92
N ILE A 118 -1.78 -27.11 6.44
CA ILE A 118 -2.21 -25.73 6.56
C ILE A 118 -2.17 -25.36 8.04
N GLY A 119 -2.53 -26.31 8.90
CA GLY A 119 -2.52 -26.06 10.33
C GLY A 119 -1.11 -25.72 10.80
N ILE A 120 -0.13 -26.48 10.33
CA ILE A 120 1.25 -26.19 10.68
C ILE A 120 1.60 -24.81 10.18
N GLY A 121 1.19 -24.50 8.96
CA GLY A 121 1.48 -23.20 8.39
C GLY A 121 0.97 -22.11 9.32
N CYS A 122 -0.24 -22.29 9.83
CA CYS A 122 -0.78 -21.31 10.76
C CYS A 122 0.06 -21.29 12.02
N PHE A 123 0.35 -22.46 12.58
CA PHE A 123 1.14 -22.51 13.81
C PHE A 123 2.48 -21.81 13.62
N ILE A 124 3.06 -21.92 12.43
CA ILE A 124 4.29 -21.21 12.13
C ILE A 124 4.04 -19.70 12.13
N MET A 125 2.92 -19.29 11.55
CA MET A 125 2.62 -17.87 11.50
C MET A 125 2.63 -17.30 12.90
N GLY A 126 1.87 -17.92 13.79
CA GLY A 126 1.78 -17.43 15.16
C GLY A 126 3.12 -17.44 15.88
N ILE A 127 3.87 -18.52 15.73
CA ILE A 127 5.15 -18.62 16.40
C ILE A 127 6.03 -17.46 15.95
N GLY A 128 6.05 -17.20 14.66
CA GLY A 128 6.85 -16.11 14.14
C GLY A 128 6.45 -14.79 14.76
N GLY A 129 5.15 -14.54 14.82
CA GLY A 129 4.67 -13.29 15.39
C GLY A 129 5.11 -13.13 16.83
N VAL A 130 4.94 -14.18 17.62
CA VAL A 130 5.34 -14.11 19.02
C VAL A 130 6.82 -13.84 19.13
N LEU A 131 7.60 -14.63 18.39
CA LEU A 131 9.04 -14.51 18.37
C LEU A 131 9.44 -13.11 17.99
N THR A 132 8.69 -12.51 17.07
CA THR A 132 8.98 -11.15 16.68
C THR A 132 8.71 -10.19 17.87
N ALA A 133 7.65 -10.45 18.65
CA ALA A 133 7.34 -9.67 19.86
C ALA A 133 8.44 -9.81 20.93
N LEU A 134 9.03 -11.02 21.04
CA LEU A 134 10.12 -11.31 22.00
C LEU A 134 11.19 -10.27 22.44
N PRO A 135 11.90 -9.55 21.51
CA PRO A 135 12.85 -8.51 21.93
C PRO A 135 12.35 -7.63 23.07
N HIS A 136 11.07 -7.24 23.07
CA HIS A 136 10.53 -6.39 24.12
C HIS A 136 10.65 -7.03 25.50
N PHE A 137 10.46 -8.35 25.57
CA PHE A 137 10.60 -9.08 26.81
C PHE A 137 12.03 -9.02 27.33
N PHE A 138 12.99 -9.12 26.41
CA PHE A 138 14.41 -9.13 26.76
C PHE A 138 15.17 -7.83 26.49
N MET A 139 14.48 -6.70 26.43
CA MET A 139 15.17 -5.43 26.19
C MET A 139 14.71 -4.34 27.16
N GLY A 140 15.54 -3.30 27.33
CA GLY A 140 15.24 -2.23 28.27
C GLY A 140 14.37 -1.06 27.80
N TYR A 141 13.87 -0.29 28.77
CA TYR A 141 13.02 0.86 28.54
C TYR A 141 13.59 1.84 27.52
N TYR A 142 12.74 2.38 26.66
CA TYR A 142 13.19 3.36 25.67
C TYR A 142 13.51 4.49 26.63
N ARG A 143 14.79 4.74 26.86
CA ARG A 143 15.23 5.93 27.62
C ARG A 143 15.19 7.20 26.79
N TYR A 144 15.41 7.09 25.49
CA TYR A 144 15.46 8.28 24.64
C TYR A 144 14.21 9.14 24.81
N SER A 158 8.85 26.57 15.86
CA SER A 158 9.95 27.45 15.48
C SER A 158 10.14 27.47 13.97
N THR A 159 11.37 27.69 13.53
CA THR A 159 11.66 27.72 12.09
C THR A 159 10.71 28.67 11.38
N LEU A 160 10.41 29.79 12.01
CA LEU A 160 9.51 30.77 11.41
C LEU A 160 9.96 31.09 9.99
N SER A 161 11.25 30.92 9.73
CA SER A 161 11.78 31.22 8.39
C SER A 161 11.27 32.42 7.63
N THR A 162 11.11 33.55 8.34
CA THR A 162 10.65 34.78 7.70
C THR A 162 11.83 35.50 7.03
N CYS A 163 11.53 36.55 6.29
CA CYS A 163 12.57 37.31 5.60
C CYS A 163 13.51 37.95 6.61
N LEU A 164 14.81 37.91 6.31
CA LEU A 164 15.82 38.48 7.19
C LEU A 164 16.81 39.34 6.43
N ILE A 165 17.32 40.37 7.11
CA ILE A 165 18.28 41.29 6.51
C ILE A 165 19.57 40.56 6.13
N SER A 175 22.74 10.80 10.93
CA SER A 175 22.56 9.51 10.27
C SER A 175 23.72 8.57 10.55
N PRO A 176 24.96 9.02 10.32
CA PRO A 176 26.07 8.14 10.68
C PRO A 176 25.95 7.80 12.15
N GLU A 177 25.57 8.78 12.97
CA GLU A 177 25.37 8.52 14.39
C GLU A 177 24.35 7.42 14.60
N ILE A 178 23.13 7.63 14.09
CA ILE A 178 22.09 6.64 14.32
C ILE A 178 22.63 5.26 13.98
N VAL A 179 23.38 5.17 12.88
CA VAL A 179 23.97 3.90 12.49
C VAL A 179 24.93 3.42 13.56
N GLY A 180 25.74 4.34 14.08
CA GLY A 180 26.67 3.98 15.14
C GLY A 180 25.90 3.50 16.35
N LYS A 181 24.81 4.19 16.67
CA LYS A 181 23.99 3.78 17.80
C LYS A 181 23.48 2.38 17.57
N GLY A 182 23.02 2.10 16.36
CA GLY A 182 22.54 0.78 16.03
C GLY A 182 23.62 -0.27 16.20
N CYS A 183 24.85 0.09 15.81
CA CYS A 183 26.00 -0.83 15.86
C CYS A 183 26.84 -0.90 17.15
N LEU A 184 27.02 0.23 17.85
CA LEU A 184 27.80 0.28 19.10
C LEU A 184 27.12 -0.57 20.19
N LYS A 185 25.79 -0.55 20.20
CA LYS A 185 25.05 -1.31 21.20
C LYS A 185 25.02 -2.81 20.91
N GLU A 186 25.29 -3.20 19.67
CA GLU A 186 25.22 -4.60 19.30
C GLU A 186 25.95 -5.55 20.24
N SER A 187 27.18 -5.23 20.64
CA SER A 187 27.96 -6.10 21.55
C SER A 187 27.99 -7.55 21.05
N GLY A 188 28.31 -7.72 19.77
CA GLY A 188 28.30 -9.02 19.12
C GLY A 188 26.97 -9.37 18.48
N SER A 189 25.86 -9.35 19.22
CA SER A 189 24.55 -9.64 18.62
C SER A 189 23.50 -8.57 18.93
N TYR A 190 23.06 -7.79 17.92
CA TYR A 190 22.05 -6.76 18.11
C TYR A 190 20.69 -7.41 18.02
N MET A 191 19.66 -6.71 18.51
CA MET A 191 18.29 -7.15 18.47
C MET A 191 17.66 -7.16 17.07
N TRP A 192 18.26 -6.50 16.07
CA TRP A 192 17.71 -6.47 14.71
C TRP A 192 17.59 -7.88 14.10
N ILE A 193 18.54 -8.77 14.40
CA ILE A 193 18.48 -10.13 13.88
C ILE A 193 17.23 -10.86 14.37
N TYR A 194 16.80 -10.64 15.61
CA TYR A 194 15.61 -11.32 16.11
C TYR A 194 14.39 -10.95 15.28
N VAL A 195 14.23 -9.68 14.95
CA VAL A 195 13.10 -9.24 14.15
C VAL A 195 13.16 -9.85 12.75
N PHE A 196 14.35 -9.92 12.17
CA PHE A 196 14.52 -10.48 10.84
C PHE A 196 14.36 -11.99 10.83
N MET A 197 14.85 -12.66 11.89
CA MET A 197 14.72 -14.10 11.98
C MET A 197 13.29 -14.50 12.29
N GLY A 198 12.52 -13.62 12.92
CA GLY A 198 11.16 -13.95 13.31
C GLY A 198 10.14 -13.59 12.26
N ASN A 199 10.24 -12.39 11.70
CA ASN A 199 9.24 -11.94 10.72
C ASN A 199 9.26 -12.88 9.56
N MET A 200 10.44 -13.15 9.04
CA MET A 200 10.55 -14.06 7.90
C MET A 200 9.83 -15.37 8.17
N LEU A 201 9.82 -15.83 9.43
CA LEU A 201 9.07 -17.03 9.77
C LEU A 201 7.62 -16.90 9.37
N ARG A 202 7.01 -15.74 9.64
CA ARG A 202 5.61 -15.56 9.28
C ARG A 202 5.40 -15.76 7.79
N GLY A 203 6.38 -15.38 6.97
CA GLY A 203 6.26 -15.62 5.54
C GLY A 203 6.05 -17.09 5.23
N ILE A 204 6.86 -17.95 5.85
CA ILE A 204 6.68 -19.39 5.66
C ILE A 204 5.29 -19.79 6.13
N GLY A 205 4.82 -19.18 7.22
CA GLY A 205 3.48 -19.47 7.68
C GLY A 205 2.41 -19.14 6.67
N GLU A 206 2.61 -18.09 5.87
CA GLU A 206 1.63 -17.75 4.85
C GLU A 206 1.69 -18.73 3.69
N THR A 207 2.81 -19.40 3.51
CA THR A 207 3.03 -20.23 2.33
C THR A 207 1.95 -21.27 2.08
N PRO A 208 1.48 -22.05 3.05
CA PRO A 208 0.51 -23.12 2.74
C PRO A 208 -0.95 -22.71 2.82
N ILE A 209 -1.26 -21.42 2.94
CA ILE A 209 -2.66 -21.03 3.12
C ILE A 209 -3.41 -20.94 1.79
N VAL A 210 -2.78 -20.35 0.79
CA VAL A 210 -3.43 -20.19 -0.50
C VAL A 210 -3.26 -21.40 -1.41
N PRO A 211 -2.01 -21.73 -1.78
CA PRO A 211 -1.86 -22.83 -2.75
C PRO A 211 -2.40 -24.17 -2.27
N LEU A 212 -2.47 -24.42 -0.96
CA LEU A 212 -2.92 -25.70 -0.46
C LEU A 212 -4.38 -25.69 -0.05
N GLY A 213 -4.79 -24.75 0.81
CA GLY A 213 -6.16 -24.74 1.29
C GLY A 213 -7.16 -24.66 0.16
N LEU A 214 -6.93 -23.76 -0.80
CA LEU A 214 -7.83 -23.65 -1.94
C LEU A 214 -7.83 -24.94 -2.75
N SER A 215 -6.67 -25.58 -2.88
CA SER A 215 -6.63 -26.86 -3.59
C SER A 215 -7.47 -27.93 -2.91
N TYR A 216 -7.80 -27.72 -1.64
CA TYR A 216 -8.65 -28.66 -0.93
C TYR A 216 -10.11 -28.42 -1.27
N ILE A 217 -10.58 -27.20 -1.01
CA ILE A 217 -11.97 -26.88 -1.28
C ILE A 217 -12.33 -27.12 -2.74
N ASP A 218 -11.48 -26.66 -3.64
CA ASP A 218 -11.76 -26.80 -5.06
C ASP A 218 -11.92 -28.27 -5.42
N ASP A 219 -11.02 -29.11 -4.94
CA ASP A 219 -11.11 -30.53 -5.22
C ASP A 219 -12.24 -31.23 -4.49
N PHE A 220 -12.66 -30.67 -3.36
CA PHE A 220 -13.73 -31.27 -2.58
C PHE A 220 -14.80 -30.20 -2.42
N ALA A 221 -15.74 -30.15 -3.36
CA ALA A 221 -16.81 -29.16 -3.29
C ALA A 221 -17.88 -29.52 -4.30
N LYS A 222 -18.97 -28.75 -4.31
CA LYS A 222 -20.05 -29.01 -5.27
C LYS A 222 -19.61 -28.64 -6.68
N GLU A 223 -20.48 -28.85 -7.65
CA GLU A 223 -20.12 -28.59 -9.04
C GLU A 223 -19.63 -27.17 -9.26
N GLY A 224 -20.36 -26.19 -8.73
CA GLY A 224 -19.97 -24.81 -8.92
C GLY A 224 -19.82 -24.01 -7.65
N HIS A 225 -20.18 -24.61 -6.52
CA HIS A 225 -20.12 -23.89 -5.26
C HIS A 225 -18.70 -23.44 -4.95
N SER A 226 -17.71 -24.14 -5.49
CA SER A 226 -16.33 -23.72 -5.30
C SER A 226 -16.21 -22.22 -5.46
N SER A 227 -16.94 -21.66 -6.42
CA SER A 227 -16.91 -20.23 -6.65
C SER A 227 -17.52 -19.52 -5.46
N LEU A 228 -18.68 -20.01 -5.01
CA LEU A 228 -19.35 -19.38 -3.88
C LEU A 228 -18.51 -19.47 -2.62
N TYR A 229 -17.91 -20.63 -2.36
CA TYR A 229 -17.06 -20.77 -1.17
C TYR A 229 -15.85 -19.86 -1.25
N LEU A 230 -15.25 -19.77 -2.44
CA LEU A 230 -14.07 -18.92 -2.61
C LEU A 230 -14.45 -17.45 -2.47
N GLY A 231 -15.69 -17.12 -2.80
CA GLY A 231 -16.17 -15.76 -2.67
C GLY A 231 -16.39 -15.43 -1.22
N ILE A 232 -16.95 -16.39 -0.50
CA ILE A 232 -17.20 -16.21 0.94
C ILE A 232 -15.89 -16.04 1.69
N LEU A 233 -14.88 -16.86 1.36
CA LEU A 233 -13.59 -16.71 2.02
C LEU A 233 -12.96 -15.35 1.75
N ASN A 234 -12.96 -14.92 0.48
CA ASN A 234 -12.33 -13.65 0.16
C ASN A 234 -13.16 -12.45 0.59
N ALA A 235 -14.43 -12.65 0.95
CA ALA A 235 -15.22 -11.56 1.51
C ALA A 235 -15.15 -11.52 3.03
N ILE A 236 -14.86 -12.65 3.68
CA ILE A 236 -14.68 -12.65 5.13
C ILE A 236 -13.25 -12.35 5.52
N ALA A 237 -12.28 -12.55 4.63
CA ALA A 237 -10.92 -12.16 4.92
C ALA A 237 -10.76 -10.64 4.97
N MET A 238 -11.72 -9.90 4.42
CA MET A 238 -11.70 -8.45 4.53
C MET A 238 -11.99 -7.96 5.94
N ILE A 239 -12.44 -8.85 6.83
CA ILE A 239 -12.57 -8.47 8.23
C ILE A 239 -11.20 -8.39 8.90
N GLY A 240 -10.17 -8.90 8.24
CA GLY A 240 -8.82 -8.81 8.74
C GLY A 240 -8.31 -7.38 8.87
N PRO A 241 -8.40 -6.60 7.79
CA PRO A 241 -8.01 -5.18 7.90
C PRO A 241 -8.85 -4.42 8.91
N ILE A 242 -10.13 -4.78 8.95
CA ILE A 242 -11.10 -4.16 9.82
C ILE A 242 -10.73 -4.39 11.25
N ILE A 243 -9.95 -5.41 11.49
CA ILE A 243 -9.48 -5.67 12.83
C ILE A 243 -8.00 -5.36 12.89
N GLY A 244 -7.46 -4.75 11.85
CA GLY A 244 -6.07 -4.40 11.82
C GLY A 244 -6.09 -2.93 12.09
N PHE A 245 -7.21 -2.30 11.79
CA PHE A 245 -7.32 -0.88 12.02
C PHE A 245 -8.10 -0.53 13.26
N THR A 246 -8.77 -1.51 13.89
CA THR A 246 -9.38 -1.14 15.16
C THR A 246 -8.39 -1.26 16.30
N LEU A 247 -7.64 -2.37 16.35
CA LEU A 247 -6.66 -2.57 17.41
C LEU A 247 -5.29 -1.94 17.13
N GLY A 248 -4.89 -1.90 15.87
CA GLY A 248 -3.58 -1.37 15.51
C GLY A 248 -3.46 0.10 15.89
N SER A 249 -4.52 0.86 15.65
CA SER A 249 -4.52 2.28 15.99
C SER A 249 -4.69 2.41 17.49
N LEU A 250 -5.52 1.55 18.06
CA LEU A 250 -5.78 1.58 19.50
C LEU A 250 -4.54 1.21 20.30
N PHE A 251 -3.82 0.18 19.86
CA PHE A 251 -2.60 -0.28 20.53
C PHE A 251 -1.41 0.62 20.21
N SER A 252 -1.52 1.41 19.15
CA SER A 252 -0.53 2.44 18.83
C SER A 252 -0.59 3.49 19.93
N LYS A 253 -1.81 3.81 20.38
CA LYS A 253 -2.07 4.74 21.47
C LYS A 253 -1.47 4.27 22.79
N MET A 254 -1.41 2.95 23.03
CA MET A 254 -0.77 2.41 24.23
C MET A 254 0.77 2.46 24.13
N TYR A 255 1.45 2.79 25.23
CA TYR A 255 2.92 2.90 25.28
C TYR A 255 3.56 1.51 25.16
N VAL A 256 4.82 1.46 24.70
CA VAL A 256 5.45 0.17 24.39
C VAL A 256 5.62 -0.65 25.66
N ASP A 257 6.10 -0.03 26.73
CA ASP A 257 6.26 -0.71 28.02
C ASP A 257 4.97 -0.21 28.67
N ILE A 258 3.91 -0.97 28.46
CA ILE A 258 2.69 -0.68 29.18
C ILE A 258 2.66 -1.78 30.21
N GLY A 259 2.30 -1.46 31.44
CA GLY A 259 2.29 -2.41 32.54
C GLY A 259 3.60 -2.47 33.30
N TYR A 260 4.71 -2.20 32.60
CA TYR A 260 6.01 -2.22 33.25
C TYR A 260 6.33 -0.87 33.89
N VAL A 261 6.15 0.20 33.13
CA VAL A 261 6.47 1.54 33.60
C VAL A 261 5.16 2.26 33.95
N ASP A 262 5.25 3.17 34.92
CA ASP A 262 4.11 3.97 35.35
C ASP A 262 3.85 5.01 34.27
N LEU A 263 2.70 4.91 33.60
CA LEU A 263 2.42 5.71 32.42
C LEU A 263 2.15 7.18 32.74
N SER A 264 2.30 7.57 33.99
CA SER A 264 2.10 8.98 34.35
C SER A 264 3.36 9.81 34.13
N THR A 265 4.52 9.18 33.93
CA THR A 265 5.77 9.90 33.79
C THR A 265 6.25 10.02 32.35
N ILE A 266 5.78 9.16 31.46
CA ILE A 266 6.20 9.19 30.05
C ILE A 266 5.77 10.51 29.43
N ARG A 267 6.74 11.26 28.92
CA ARG A 267 6.43 12.56 28.37
C ARG A 267 5.99 12.51 26.93
N ILE A 268 6.52 11.56 26.17
CA ILE A 268 6.22 11.54 24.74
C ILE A 268 4.74 11.21 24.55
N THR A 269 4.16 11.82 23.52
CA THR A 269 2.75 11.72 23.21
C THR A 269 2.54 10.95 21.90
N PRO A 270 1.35 10.40 21.67
CA PRO A 270 1.14 9.60 20.45
C PRO A 270 1.36 10.38 19.17
N THR A 271 1.33 11.71 19.27
CA THR A 271 1.57 12.57 18.12
C THR A 271 3.06 12.88 18.02
N ASP A 272 3.77 12.71 19.13
CA ASP A 272 5.21 12.98 19.20
C ASP A 272 6.01 12.03 18.32
N SER A 273 7.04 12.57 17.67
CA SER A 273 7.92 11.80 16.79
C SER A 273 8.70 10.73 17.56
N ARG A 274 9.13 11.08 18.76
CA ARG A 274 9.90 10.19 19.61
C ARG A 274 9.13 8.93 20.01
N TRP A 275 7.83 9.09 20.25
CA TRP A 275 6.98 7.98 20.67
C TRP A 275 6.96 6.86 19.62
N VAL A 276 7.05 5.62 20.10
CA VAL A 276 7.06 4.43 19.24
C VAL A 276 5.77 3.63 19.46
N GLY A 277 5.40 2.79 18.50
CA GLY A 277 4.16 2.06 18.66
C GLY A 277 4.43 0.75 19.37
N ALA A 278 3.42 0.17 20.00
CA ALA A 278 3.66 -1.07 20.72
C ALA A 278 3.67 -2.25 19.75
N TRP A 279 4.85 -2.46 19.17
CA TRP A 279 5.11 -3.55 18.26
C TRP A 279 4.95 -4.91 18.99
N TRP A 280 5.30 -4.98 20.28
CA TRP A 280 5.18 -6.23 21.03
C TRP A 280 3.74 -6.75 21.24
N LEU A 281 2.79 -5.86 21.54
CA LEU A 281 1.40 -6.25 21.74
C LEU A 281 0.80 -6.54 20.38
N ASN A 282 1.17 -5.71 19.43
CA ASN A 282 0.71 -5.85 18.06
C ASN A 282 1.02 -7.19 17.44
N PHE A 283 2.21 -7.73 17.69
CA PHE A 283 2.56 -9.04 17.16
C PHE A 283 1.96 -10.16 18.03
N LEU A 284 1.72 -9.87 19.30
CA LEU A 284 1.06 -10.77 20.24
C LEU A 284 -0.38 -11.02 19.80
N VAL A 285 -1.11 -9.95 19.50
CA VAL A 285 -2.48 -10.10 19.02
C VAL A 285 -2.50 -11.00 17.78
N SER A 286 -1.51 -10.83 16.90
CA SER A 286 -1.43 -11.60 15.68
C SER A 286 -0.95 -13.02 15.87
N GLY A 287 0.02 -13.21 16.75
CA GLY A 287 0.53 -14.56 16.95
C GLY A 287 -0.45 -15.43 17.71
N LEU A 288 -1.03 -14.89 18.78
CA LEU A 288 -2.00 -15.67 19.56
C LEU A 288 -3.26 -15.92 18.76
N PHE A 289 -3.61 -15.01 17.84
CA PHE A 289 -4.75 -15.26 16.95
C PHE A 289 -4.43 -16.39 15.99
N SER A 290 -3.23 -16.40 15.42
CA SER A 290 -2.86 -17.45 14.47
C SER A 290 -2.74 -18.80 15.16
N ILE A 291 -2.14 -18.83 16.36
CA ILE A 291 -2.02 -20.10 17.09
C ILE A 291 -3.39 -20.66 17.41
N ILE A 292 -4.32 -19.80 17.85
CA ILE A 292 -5.69 -20.24 18.09
C ILE A 292 -6.33 -20.71 16.78
N SER A 293 -6.11 -19.97 15.70
CA SER A 293 -6.68 -20.34 14.41
C SER A 293 -6.16 -21.68 13.90
N SER A 294 -4.99 -22.11 14.36
CA SER A 294 -4.42 -23.37 13.89
C SER A 294 -4.99 -24.58 14.60
N ILE A 295 -5.73 -24.40 15.70
CA ILE A 295 -6.25 -25.53 16.45
C ILE A 295 -7.32 -26.37 15.73
N PRO A 296 -8.26 -25.72 15.01
CA PRO A 296 -9.26 -26.57 14.34
C PRO A 296 -8.71 -27.39 13.17
N PHE A 297 -7.63 -26.95 12.56
CA PHE A 297 -7.04 -27.63 11.42
C PHE A 297 -6.55 -29.04 11.73
N PHE A 298 -5.95 -29.24 12.90
CA PHE A 298 -5.42 -30.55 13.24
C PHE A 298 -6.51 -31.62 13.29
N PHE A 299 -7.66 -31.27 13.84
CA PHE A 299 -8.78 -32.21 13.93
C PHE A 299 -9.30 -32.63 12.56
N LEU A 300 -9.37 -31.68 11.63
CA LEU A 300 -9.85 -31.95 10.28
C LEU A 300 -9.12 -33.12 9.63
N THR A 344 12.33 -36.37 -8.17
CA THR A 344 12.60 -35.97 -9.55
C THR A 344 11.33 -35.50 -10.24
N GLY A 345 10.19 -35.69 -9.56
CA GLY A 345 8.92 -35.31 -10.15
C GLY A 345 8.67 -33.81 -10.18
N PHE A 346 9.35 -33.06 -9.31
CA PHE A 346 9.12 -31.62 -9.24
C PHE A 346 9.53 -30.92 -10.54
N PHE A 347 10.73 -31.19 -11.01
CA PHE A 347 11.17 -30.45 -12.18
C PHE A 347 10.11 -30.58 -13.24
N GLN A 348 9.77 -31.81 -13.56
CA GLN A 348 8.79 -32.02 -14.58
C GLN A 348 7.50 -31.28 -14.40
N SER A 349 6.97 -31.21 -13.18
CA SER A 349 5.72 -30.50 -12.95
C SER A 349 5.86 -29.03 -13.27
N PHE A 350 6.94 -28.42 -12.80
CA PHE A 350 7.17 -27.02 -13.06
C PHE A 350 7.33 -26.79 -14.57
N LYS A 351 8.06 -27.67 -15.23
CA LYS A 351 8.23 -27.55 -16.67
C LYS A 351 6.87 -27.77 -17.36
N SER A 352 6.11 -28.74 -16.88
CA SER A 352 4.81 -29.04 -17.47
C SER A 352 3.81 -27.90 -17.38
N ILE A 353 3.71 -27.28 -16.20
CA ILE A 353 2.79 -26.15 -16.04
C ILE A 353 3.26 -24.98 -16.91
N LEU A 354 4.57 -24.78 -16.97
CA LEU A 354 5.14 -23.67 -17.73
C LEU A 354 5.07 -23.90 -19.24
N THR A 355 4.98 -25.16 -19.67
CA THR A 355 4.87 -25.47 -21.08
C THR A 355 3.40 -25.34 -21.51
N ASN A 356 2.47 -25.27 -20.55
CA ASN A 356 1.06 -25.11 -20.88
C ASN A 356 0.86 -23.74 -21.53
N PRO A 357 0.51 -23.69 -22.83
CA PRO A 357 0.38 -22.34 -23.40
C PRO A 357 -0.68 -21.46 -22.74
N LEU A 358 -1.86 -22.01 -22.47
CA LEU A 358 -2.93 -21.22 -21.89
C LEU A 358 -2.59 -20.65 -20.52
N TYR A 359 -1.97 -21.47 -19.66
CA TYR A 359 -1.63 -21.00 -18.33
C TYR A 359 -0.59 -19.89 -18.29
N VAL A 360 0.45 -19.99 -19.11
CA VAL A 360 1.50 -18.98 -19.11
C VAL A 360 0.94 -17.63 -19.52
N MET A 361 -0.03 -17.65 -20.44
CA MET A 361 -0.60 -16.42 -20.94
C MET A 361 -1.43 -15.84 -19.82
N PHE A 362 -2.15 -16.73 -19.15
CA PHE A 362 -2.98 -16.30 -18.05
C PHE A 362 -2.19 -15.71 -16.89
N VAL A 363 -1.06 -16.31 -16.52
CA VAL A 363 -0.30 -15.74 -15.41
C VAL A 363 0.36 -14.45 -15.84
N LEU A 364 0.85 -14.36 -17.07
CA LEU A 364 1.40 -13.13 -17.58
C LEU A 364 0.33 -12.05 -17.54
N LEU A 365 -0.87 -12.41 -17.99
CA LEU A 365 -1.99 -11.48 -17.98
C LEU A 365 -2.27 -10.98 -16.57
N THR A 366 -2.33 -11.91 -15.63
CA THR A 366 -2.64 -11.55 -14.26
C THR A 366 -1.50 -10.78 -13.65
N LEU A 367 -0.28 -11.09 -14.08
CA LEU A 367 0.87 -10.39 -13.57
C LEU A 367 0.76 -8.92 -13.96
N LEU A 368 0.41 -8.66 -15.22
CA LEU A 368 0.24 -7.30 -15.69
C LEU A 368 -0.93 -6.58 -15.04
N GLN A 369 -2.08 -7.22 -14.93
CA GLN A 369 -3.23 -6.57 -14.33
C GLN A 369 -2.98 -6.30 -12.89
N VAL A 370 -2.52 -7.29 -12.13
CA VAL A 370 -2.31 -7.09 -10.70
C VAL A 370 -1.28 -6.00 -10.44
N SER A 371 -0.22 -5.97 -11.26
CA SER A 371 0.81 -4.96 -11.10
C SER A 371 0.15 -3.60 -11.24
N SER A 372 -0.69 -3.46 -12.26
CA SER A 372 -1.39 -2.20 -12.46
C SER A 372 -2.25 -1.86 -11.26
N TYR A 373 -3.03 -2.82 -10.81
CA TYR A 373 -3.93 -2.64 -9.66
C TYR A 373 -3.16 -2.36 -8.37
N ILE A 374 -2.08 -3.10 -8.13
CA ILE A 374 -1.31 -2.87 -6.90
C ILE A 374 -0.71 -1.48 -6.91
N GLY A 375 -0.21 -1.05 -8.07
CA GLY A 375 0.35 0.29 -8.20
C GLY A 375 -0.73 1.33 -7.96
N ALA A 376 -1.91 1.08 -8.51
CA ALA A 376 -3.04 1.99 -8.34
C ALA A 376 -3.47 2.01 -6.88
N PHE A 377 -3.55 0.84 -6.24
CA PHE A 377 -3.95 0.80 -4.85
C PHE A 377 -3.00 1.53 -3.92
N THR A 378 -1.70 1.40 -4.17
CA THR A 378 -0.71 2.03 -3.30
C THR A 378 -0.50 3.52 -3.58
N TYR A 379 -0.74 3.95 -4.82
CA TYR A 379 -0.56 5.36 -5.15
C TYR A 379 -1.82 6.22 -5.21
N VAL A 380 -2.98 5.68 -4.83
CA VAL A 380 -4.19 6.49 -4.83
C VAL A 380 -4.08 7.65 -3.83
N PHE A 381 -3.47 7.39 -2.67
CA PHE A 381 -3.29 8.40 -1.63
C PHE A 381 -2.34 9.54 -2.02
N LYS A 382 -1.44 9.31 -2.95
CA LYS A 382 -0.62 10.42 -3.41
C LYS A 382 -1.52 11.20 -4.38
N TYR A 383 -2.31 10.46 -5.15
CA TYR A 383 -3.26 11.04 -6.11
C TYR A 383 -4.36 11.84 -5.44
N VAL A 384 -4.88 11.35 -4.32
CA VAL A 384 -5.91 12.12 -3.66
C VAL A 384 -5.32 13.47 -3.22
N GLU A 385 -4.14 13.40 -2.62
CA GLU A 385 -3.42 14.58 -2.12
C GLU A 385 -2.84 15.56 -3.15
N GLN A 386 -2.25 15.05 -4.23
CA GLN A 386 -1.59 15.90 -5.23
C GLN A 386 -2.49 16.57 -6.25
N GLN A 387 -3.29 15.77 -6.94
CA GLN A 387 -4.20 16.30 -7.96
C GLN A 387 -5.37 17.14 -7.44
N TYR A 388 -6.07 16.67 -6.42
CA TYR A 388 -7.26 17.38 -5.92
C TYR A 388 -7.00 18.22 -4.68
N GLY A 389 -6.19 17.71 -3.75
CA GLY A 389 -5.78 18.46 -2.57
C GLY A 389 -6.18 17.86 -1.25
N GLN A 390 -6.87 16.73 -1.20
CA GLN A 390 -7.25 16.13 0.08
C GLN A 390 -6.02 15.53 0.74
N PRO A 391 -5.61 16.03 1.95
CA PRO A 391 -4.37 15.47 2.49
C PRO A 391 -4.46 13.98 2.65
N SER A 392 -5.65 13.41 2.52
CA SER A 392 -5.89 11.96 2.61
C SER A 392 -6.01 11.48 4.04
N SER A 393 -5.79 12.36 5.02
CA SER A 393 -6.03 11.93 6.39
C SER A 393 -7.52 11.72 6.52
N LYS A 394 -8.31 12.69 6.06
CA LYS A 394 -9.75 12.53 6.06
C LYS A 394 -10.19 11.49 5.04
N ALA A 395 -9.58 11.53 3.85
CA ALA A 395 -9.99 10.63 2.79
C ALA A 395 -9.79 9.17 3.10
N ASN A 396 -8.67 8.82 3.74
CA ASN A 396 -8.40 7.41 3.99
C ASN A 396 -9.48 6.81 4.87
N ILE A 397 -9.89 7.55 5.90
CA ILE A 397 -10.93 7.06 6.77
C ILE A 397 -12.26 6.91 6.03
N LEU A 398 -12.63 7.92 5.26
CA LEU A 398 -13.88 7.87 4.53
C LEU A 398 -13.85 6.78 3.46
N LEU A 399 -12.75 6.70 2.73
CA LEU A 399 -12.62 5.69 1.70
C LEU A 399 -12.63 4.31 2.33
N GLY A 400 -11.94 4.16 3.44
CA GLY A 400 -11.86 2.85 4.06
C GLY A 400 -13.22 2.37 4.49
N VAL A 401 -14.01 3.26 5.07
CA VAL A 401 -15.32 2.84 5.56
C VAL A 401 -16.20 2.38 4.42
N ILE A 402 -16.24 3.12 3.32
CA ILE A 402 -16.98 2.65 2.14
C ILE A 402 -16.35 1.46 1.43
N THR A 403 -15.03 1.44 1.30
CA THR A 403 -14.36 0.39 0.54
C THR A 403 -14.51 -1.04 1.03
N ILE A 404 -14.34 -1.28 2.33
CA ILE A 404 -14.37 -2.66 2.79
C ILE A 404 -15.70 -3.40 2.58
N PRO A 405 -16.84 -2.75 2.89
CA PRO A 405 -18.08 -3.48 2.60
C PRO A 405 -18.31 -3.64 1.12
N ILE A 406 -17.98 -2.63 0.32
CA ILE A 406 -18.25 -2.70 -1.11
C ILE A 406 -17.37 -3.75 -1.77
N PHE A 407 -16.10 -3.81 -1.38
CA PHE A 407 -15.20 -4.83 -1.93
C PHE A 407 -15.68 -6.23 -1.55
N ALA A 408 -16.10 -6.42 -0.30
CA ALA A 408 -16.61 -7.72 0.12
C ALA A 408 -17.87 -8.08 -0.65
N SER A 409 -18.77 -7.12 -0.84
CA SER A 409 -19.96 -7.38 -1.65
C SER A 409 -19.59 -7.73 -3.08
N GLY A 410 -18.55 -7.08 -3.62
CA GLY A 410 -18.11 -7.39 -4.96
C GLY A 410 -17.62 -8.82 -5.09
N MET A 411 -16.79 -9.26 -4.14
CA MET A 411 -16.32 -10.64 -4.19
C MET A 411 -17.45 -11.63 -3.99
N PHE A 412 -18.38 -11.34 -3.07
CA PHE A 412 -19.50 -12.24 -2.84
C PHE A 412 -20.34 -12.37 -4.11
N LEU A 413 -20.63 -11.25 -4.77
CA LEU A 413 -21.42 -11.33 -5.98
C LEU A 413 -20.68 -12.17 -7.02
N GLY A 414 -19.36 -12.12 -7.00
CA GLY A 414 -18.59 -12.88 -7.96
C GLY A 414 -18.80 -14.36 -7.79
N GLY A 415 -18.78 -14.82 -6.55
CA GLY A 415 -19.01 -16.22 -6.28
C GLY A 415 -20.42 -16.62 -6.63
N TYR A 416 -21.36 -15.76 -6.24
CA TYR A 416 -22.78 -16.02 -6.48
C TYR A 416 -23.14 -16.06 -7.96
N ILE A 417 -22.61 -15.12 -8.75
CA ILE A 417 -22.93 -15.08 -10.17
C ILE A 417 -22.41 -16.31 -10.90
N ILE A 418 -21.16 -16.67 -10.62
CA ILE A 418 -20.57 -17.85 -11.24
C ILE A 418 -21.40 -19.09 -10.94
N LYS A 419 -21.69 -19.34 -9.67
CA LYS A 419 -22.48 -20.51 -9.28
C LYS A 419 -23.91 -20.50 -9.83
N LYS A 420 -24.58 -19.37 -9.74
CA LYS A 420 -25.97 -19.27 -10.21
C LYS A 420 -26.13 -19.47 -11.71
N PHE A 421 -25.20 -18.91 -12.47
CA PHE A 421 -25.26 -19.00 -13.93
C PHE A 421 -24.64 -20.28 -14.50
N LYS A 422 -24.00 -21.08 -13.64
CA LYS A 422 -23.37 -22.35 -14.05
C LYS A 422 -22.38 -22.13 -15.19
N LEU A 423 -21.57 -21.09 -15.08
CA LEU A 423 -20.61 -20.75 -16.10
C LEU A 423 -19.49 -21.80 -16.27
N ASN A 424 -19.10 -22.08 -17.52
CA ASN A 424 -18.03 -23.02 -17.80
C ASN A 424 -16.73 -22.24 -17.96
N THR A 425 -15.61 -22.93 -18.17
CA THR A 425 -14.32 -22.24 -18.26
C THR A 425 -14.28 -21.08 -19.25
N VAL A 426 -14.74 -21.30 -20.47
CA VAL A 426 -14.76 -20.25 -21.49
C VAL A 426 -15.66 -19.11 -21.04
N GLY A 427 -16.81 -19.49 -20.49
CA GLY A 427 -17.78 -18.57 -19.98
C GLY A 427 -17.21 -17.76 -18.84
N ILE A 428 -16.43 -18.37 -17.95
CA ILE A 428 -15.87 -17.53 -16.90
C ILE A 428 -14.73 -16.69 -17.47
N ALA A 429 -14.04 -17.19 -18.49
CA ALA A 429 -12.98 -16.43 -19.12
C ALA A 429 -13.61 -15.16 -19.69
N LYS A 430 -14.74 -15.32 -20.37
CA LYS A 430 -15.46 -14.18 -20.94
C LYS A 430 -15.94 -13.25 -19.84
N PHE A 431 -16.48 -13.83 -18.78
CA PHE A 431 -16.99 -13.04 -17.67
C PHE A 431 -15.85 -12.25 -17.04
N SER A 432 -14.69 -12.88 -16.94
CA SER A 432 -13.53 -12.21 -16.38
C SER A 432 -13.14 -11.05 -17.28
N CYS A 433 -13.20 -11.26 -18.60
CA CYS A 433 -12.88 -10.20 -19.56
C CYS A 433 -13.88 -9.06 -19.42
N PHE A 434 -15.16 -9.40 -19.23
CA PHE A 434 -16.20 -8.42 -19.07
C PHE A 434 -15.84 -7.49 -17.92
N THR A 435 -15.33 -8.06 -16.84
CA THR A 435 -14.89 -7.23 -15.70
C THR A 435 -13.67 -6.42 -16.13
N ALA A 436 -12.79 -7.05 -16.92
CA ALA A 436 -11.60 -6.38 -17.45
C ALA A 436 -11.99 -5.21 -18.34
N VAL A 437 -13.05 -5.33 -19.12
CA VAL A 437 -13.49 -4.21 -19.93
C VAL A 437 -14.16 -3.16 -19.05
N MET A 438 -14.93 -3.60 -18.06
CA MET A 438 -15.61 -2.66 -17.17
C MET A 438 -14.65 -1.92 -16.26
N SER A 439 -13.59 -2.60 -15.82
CA SER A 439 -12.59 -1.97 -14.95
C SER A 439 -11.60 -1.03 -15.66
N LEU A 440 -11.53 -1.11 -16.99
CA LEU A 440 -10.68 -0.22 -17.78
C LEU A 440 -11.46 0.92 -18.39
N SER A 441 -12.71 0.70 -18.78
CA SER A 441 -13.53 1.78 -19.33
C SER A 441 -13.64 2.87 -18.28
N PHE A 442 -13.72 2.47 -17.01
CA PHE A 442 -13.77 3.41 -15.91
C PHE A 442 -12.49 4.24 -15.80
N TYR A 443 -11.35 3.61 -16.03
CA TYR A 443 -10.08 4.32 -15.99
C TYR A 443 -10.01 5.40 -17.06
N LEU A 444 -10.55 5.12 -18.24
CA LEU A 444 -10.56 6.09 -19.33
C LEU A 444 -11.19 7.39 -18.83
N LEU A 445 -12.22 7.27 -18.01
CA LEU A 445 -12.86 8.44 -17.39
C LEU A 445 -11.95 9.26 -16.48
N TYR A 446 -10.94 8.64 -15.85
CA TYR A 446 -10.02 9.38 -14.99
C TYR A 446 -9.25 10.42 -15.78
N PHE A 447 -8.92 10.10 -17.03
CA PHE A 447 -8.11 11.00 -17.87
C PHE A 447 -8.77 12.35 -18.08
N PHE A 448 -10.09 12.34 -18.28
CA PHE A 448 -10.88 13.55 -18.46
C PHE A 448 -10.89 14.42 -17.19
N ILE A 449 -10.83 13.77 -16.04
CA ILE A 449 -10.88 14.40 -14.73
C ILE A 449 -9.67 15.27 -14.26
N LEU A 450 -8.55 15.25 -14.97
CA LEU A 450 -7.35 16.00 -14.55
C LEU A 450 -7.53 17.50 -14.31
N CYS A 451 -6.83 18.03 -13.30
CA CYS A 451 -6.88 19.45 -12.93
C CYS A 451 -5.65 20.17 -13.49
N GLU A 452 -5.56 21.49 -13.29
CA GLU A 452 -4.39 22.24 -13.70
C GLU A 452 -3.36 22.19 -12.56
N ASN A 453 -2.16 22.70 -12.81
CA ASN A 453 -1.09 22.70 -11.81
C ASN A 453 -1.25 23.69 -10.65
N LYS A 454 -0.62 23.38 -9.51
CA LYS A 454 -0.67 24.24 -8.33
C LYS A 454 0.35 25.38 -8.52
N SER A 455 0.02 26.60 -8.10
CA SER A 455 0.93 27.72 -8.32
C SER A 455 1.96 27.81 -7.20
N VAL A 456 3.17 27.34 -7.48
CA VAL A 456 4.25 27.42 -6.48
C VAL A 456 5.32 28.39 -6.96
N ALA A 457 5.46 29.50 -6.24
CA ALA A 457 6.49 30.51 -6.49
C ALA A 457 7.90 29.92 -6.32
N GLY A 458 8.78 30.20 -7.27
CA GLY A 458 10.14 29.65 -7.36
C GLY A 458 10.22 28.27 -8.00
N LEU A 459 9.10 27.60 -8.31
CA LEU A 459 9.09 26.25 -8.90
C LEU A 459 8.25 26.09 -10.17
N THR A 460 7.03 26.64 -10.20
CA THR A 460 6.15 26.63 -11.38
C THR A 460 5.89 28.04 -11.90
N MET A 461 6.09 29.06 -11.07
CA MET A 461 5.97 30.47 -11.40
C MET A 461 7.06 31.28 -10.72
N THR A 462 7.31 32.48 -11.22
CA THR A 462 8.24 33.45 -10.60
C THR A 462 7.71 33.96 -9.26
N TYR A 463 8.59 34.48 -8.39
CA TYR A 463 8.20 34.96 -7.05
C TYR A 463 7.26 36.17 -7.06
N ASP A 464 7.28 36.98 -8.12
CA ASP A 464 6.33 38.08 -8.35
C ASP A 464 4.98 37.60 -8.91
N GLY A 465 4.84 36.31 -9.25
CA GLY A 465 3.61 35.72 -9.77
C GLY A 465 3.27 36.09 -11.22
N ASN A 466 4.14 36.81 -11.92
CA ASN A 466 3.85 37.34 -13.26
C ASN A 466 4.03 36.30 -14.37
N ASN A 467 5.04 35.42 -14.27
CA ASN A 467 5.41 34.52 -15.35
C ASN A 467 5.45 33.05 -14.91
N PRO A 468 4.93 32.11 -15.73
CA PRO A 468 5.19 30.69 -15.54
C PRO A 468 6.66 30.39 -15.84
N VAL A 469 7.23 29.47 -15.06
CA VAL A 469 8.64 29.06 -15.21
C VAL A 469 8.70 27.71 -15.91
N THR A 470 9.56 27.59 -16.92
CA THR A 470 9.77 26.34 -17.69
C THR A 470 10.73 25.36 -17.00
N SER A 471 11.72 25.87 -16.25
CA SER A 471 12.69 25.09 -15.47
C SER A 471 12.70 25.54 -14.02
N HIS A 472 12.42 24.62 -13.10
CA HIS A 472 12.52 24.85 -11.65
C HIS A 472 13.97 24.93 -11.14
N ARG A 473 14.97 24.62 -11.99
CA ARG A 473 16.38 24.85 -11.64
C ARG A 473 16.68 26.33 -11.79
N ASP A 474 17.06 26.95 -10.69
CA ASP A 474 17.63 28.30 -10.60
C ASP A 474 16.65 29.41 -11.01
N VAL A 475 15.43 29.40 -10.44
CA VAL A 475 14.55 30.58 -10.51
C VAL A 475 15.18 31.68 -9.65
N PRO A 476 15.63 32.80 -10.25
CA PRO A 476 16.29 33.85 -9.49
C PRO A 476 15.32 34.43 -8.46
N LEU A 477 15.86 34.80 -7.29
CA LEU A 477 15.17 35.65 -6.32
C LEU A 477 14.70 36.93 -7.04
N SER A 478 13.52 37.40 -6.65
CA SER A 478 13.05 38.66 -7.19
C SER A 478 13.40 39.65 -6.11
N TYR A 479 13.37 40.92 -6.42
CA TYR A 479 13.62 41.92 -5.40
C TYR A 479 12.88 41.56 -4.13
N CYS A 480 11.59 41.24 -4.25
CA CYS A 480 10.78 40.95 -3.06
C CYS A 480 11.37 39.88 -2.14
N ASN A 481 12.27 39.07 -2.67
CA ASN A 481 12.88 38.01 -1.87
C ASN A 481 14.40 38.00 -1.99
N SER A 482 14.95 38.89 -2.81
CA SER A 482 16.41 38.89 -3.02
C SER A 482 17.19 39.18 -1.75
N ASP A 483 16.80 40.22 -1.03
CA ASP A 483 17.53 40.59 0.19
C ASP A 483 17.44 39.52 1.25
N CYS A 484 16.26 38.94 1.43
CA CYS A 484 16.07 37.93 2.46
C CYS A 484 17.22 36.95 2.24
N ASN A 485 18.01 36.69 3.27
CA ASN A 485 18.94 35.56 3.25
C ASN A 485 18.17 34.31 3.63
N CYS A 486 17.44 33.75 2.67
CA CYS A 486 16.60 32.57 2.93
C CYS A 486 17.32 31.25 2.61
N ASP A 487 17.06 30.21 3.41
CA ASP A 487 17.45 28.83 3.06
C ASP A 487 16.51 28.27 1.98
N GLU A 488 16.94 28.27 0.74
CA GLU A 488 16.06 27.83 -0.34
C GLU A 488 15.53 26.41 -0.18
N SER A 489 16.30 25.54 0.48
CA SER A 489 15.89 24.14 0.62
C SER A 489 14.64 23.94 1.47
N GLN A 490 14.48 24.72 2.53
CA GLN A 490 13.35 24.52 3.44
C GLN A 490 12.00 24.42 2.74
N TRP A 491 11.20 23.42 3.10
CA TRP A 491 9.87 23.26 2.52
C TRP A 491 8.79 23.61 3.53
N GLU A 492 8.59 24.89 3.79
CA GLU A 492 7.59 25.34 4.74
C GLU A 492 6.52 26.16 4.02
N PRO A 493 5.65 25.48 3.25
CA PRO A 493 4.77 26.18 2.33
C PRO A 493 3.79 27.10 3.07
N VAL A 494 3.59 28.29 2.51
CA VAL A 494 2.63 29.23 3.08
C VAL A 494 1.77 29.73 1.92
N CYS A 495 0.47 29.82 2.12
CA CYS A 495 -0.42 30.23 1.04
C CYS A 495 -0.75 31.71 1.15
N GLY A 496 -0.47 32.46 0.09
CA GLY A 496 -0.74 33.88 0.10
C GLY A 496 -2.15 34.22 -0.27
N ASN A 497 -2.63 35.37 0.18
CA ASN A 497 -4.00 35.82 -0.18
C ASN A 497 -4.20 36.05 -1.69
N ASN A 498 -3.12 36.04 -2.48
CA ASN A 498 -3.14 36.05 -3.95
C ASN A 498 -3.41 34.67 -4.56
N GLY A 499 -3.55 33.64 -3.73
CA GLY A 499 -3.79 32.30 -4.23
C GLY A 499 -2.53 31.61 -4.72
N ILE A 500 -1.38 32.12 -4.31
CA ILE A 500 -0.12 31.52 -4.72
C ILE A 500 0.69 30.96 -3.55
N THR A 501 1.04 29.68 -3.61
CA THR A 501 1.85 29.08 -2.56
C THR A 501 3.30 29.54 -2.61
N TYR A 502 3.94 29.64 -1.45
CA TYR A 502 5.36 30.03 -1.41
C TYR A 502 6.15 28.95 -0.70
N ILE A 503 7.39 28.71 -1.13
CA ILE A 503 8.21 27.63 -0.54
C ILE A 503 8.42 27.81 0.97
N SER A 504 8.59 29.05 1.43
CA SER A 504 8.78 29.41 2.84
C SER A 504 8.24 30.82 3.13
N PRO A 505 7.98 31.17 4.40
CA PRO A 505 7.59 32.53 4.77
C PRO A 505 8.66 33.57 4.41
N CYS A 506 9.94 33.21 4.52
CA CYS A 506 11.07 34.04 4.11
C CYS A 506 11.04 34.32 2.60
N LEU A 507 10.84 33.28 1.78
CA LEU A 507 10.78 33.42 0.31
C LEU A 507 9.50 34.14 -0.17
N ALA A 508 8.47 34.24 0.67
CA ALA A 508 7.31 35.10 0.45
C ALA A 508 7.57 36.58 0.84
N GLY A 509 8.73 36.88 1.45
CA GLY A 509 9.10 38.22 1.93
C GLY A 509 8.37 38.64 3.21
N CYS A 510 7.87 37.67 3.98
CA CYS A 510 7.11 38.01 5.19
C CYS A 510 8.03 38.57 6.26
N LYS A 511 7.91 39.85 6.54
CA LYS A 511 8.75 40.48 7.55
C LYS A 511 8.51 39.89 8.93
N SER A 512 7.24 39.65 9.25
CA SER A 512 6.91 39.14 10.58
C SER A 512 5.94 37.96 10.51
N SER A 513 5.92 37.14 11.55
CA SER A 513 4.97 36.03 11.59
C SER A 513 4.12 36.18 12.85
N SER A 514 2.96 35.52 12.88
CA SER A 514 2.06 35.63 14.02
C SER A 514 2.69 35.10 15.30
N GLY A 515 3.37 33.97 15.21
CA GLY A 515 4.05 33.45 16.39
C GLY A 515 3.72 32.01 16.72
N ASN A 516 4.01 31.60 17.95
CA ASN A 516 3.67 30.25 18.40
C ASN A 516 2.17 30.12 18.59
N LYS A 517 1.47 31.25 18.57
CA LYS A 517 0.03 31.25 18.78
C LYS A 517 -0.72 30.61 17.62
N LYS A 518 -1.98 30.26 17.84
CA LYS A 518 -2.74 29.55 16.80
C LYS A 518 -2.91 30.22 15.44
N PRO A 519 -3.11 31.56 15.41
CA PRO A 519 -3.21 32.12 14.05
C PRO A 519 -1.94 31.84 13.26
N ILE A 520 -2.09 31.39 12.02
CA ILE A 520 -0.92 31.04 11.21
C ILE A 520 -0.49 32.10 10.23
N VAL A 521 -1.15 33.26 10.24
CA VAL A 521 -0.84 34.31 9.28
C VAL A 521 0.56 34.89 9.44
N PHE A 522 1.22 35.16 8.32
CA PHE A 522 2.54 35.78 8.37
C PHE A 522 2.36 37.14 7.74
N TYR A 523 2.80 38.20 8.40
CA TYR A 523 2.52 39.55 7.89
C TYR A 523 3.59 40.29 7.08
N ASN A 524 3.18 41.34 6.36
CA ASN A 524 4.10 42.17 5.59
C ASN A 524 5.01 41.33 4.72
N CYS A 525 4.42 40.52 3.85
CA CYS A 525 5.20 39.69 2.95
C CYS A 525 5.54 40.47 1.70
N SER A 526 6.81 40.72 1.48
CA SER A 526 7.21 41.53 0.33
C SER A 526 6.68 40.96 -0.97
N CYS A 527 6.82 39.66 -1.15
CA CYS A 527 6.33 39.02 -2.37
C CYS A 527 4.82 38.89 -2.32
N LEU A 528 4.20 38.66 -3.48
CA LEU A 528 2.75 38.50 -3.56
C LEU A 528 2.00 39.82 -3.44
N GLU A 529 2.73 40.92 -3.27
CA GLU A 529 2.09 42.23 -3.23
C GLU A 529 1.41 42.46 -4.57
N VAL A 530 0.14 42.86 -4.56
CA VAL A 530 -0.57 43.00 -5.81
C VAL A 530 -0.39 44.39 -6.39
N THR A 531 0.42 44.50 -7.43
CA THR A 531 0.67 45.80 -8.04
C THR A 531 -0.64 46.48 -8.41
N GLY A 532 -0.81 47.72 -8.00
CA GLY A 532 -2.03 48.44 -8.30
C GLY A 532 -3.03 48.38 -7.17
N LEU A 533 -2.97 47.33 -6.36
CA LEU A 533 -3.89 47.18 -5.24
C LEU A 533 -3.11 47.15 -3.93
N GLN A 534 -2.70 48.33 -3.46
CA GLN A 534 -1.94 48.41 -2.22
C GLN A 534 -2.87 48.62 -1.03
N ASN A 535 -4.12 49.00 -1.31
CA ASN A 535 -5.07 49.24 -0.23
C ASN A 535 -5.21 47.99 0.61
N ARG A 536 -5.37 46.84 -0.04
CA ARG A 536 -5.46 45.59 0.69
C ARG A 536 -4.09 45.25 1.26
N ASN A 537 -4.05 44.76 2.49
CA ASN A 537 -2.78 44.44 3.13
C ASN A 537 -2.50 42.93 3.09
N TYR A 538 -1.24 42.55 2.93
CA TYR A 538 -0.89 41.12 2.77
C TYR A 538 -0.86 40.26 4.03
N SER A 539 -0.90 38.94 3.85
CA SER A 539 -0.85 38.00 4.97
C SER A 539 -0.89 36.60 4.37
N ALA A 540 -0.03 35.70 4.82
CA ALA A 540 0.02 34.39 4.20
C ALA A 540 -0.23 33.28 5.21
N HIS A 541 -1.41 32.68 5.14
CA HIS A 541 -1.74 31.58 6.06
C HIS A 541 -0.86 30.37 5.76
N LEU A 542 -0.49 29.62 6.79
CA LEU A 542 0.39 28.47 6.60
C LEU A 542 -0.23 27.37 5.76
N GLY A 543 0.61 26.46 5.26
CA GLY A 543 0.13 25.38 4.40
C GLY A 543 0.10 25.77 2.92
N GLU A 544 -0.08 24.76 2.08
CA GLU A 544 -0.24 24.98 0.63
C GLU A 544 -1.64 25.54 0.33
N CYS A 545 -1.76 26.34 -0.74
CA CYS A 545 -3.07 26.82 -1.17
C CYS A 545 -3.99 25.65 -1.53
N PRO A 546 -5.29 25.73 -1.17
CA PRO A 546 -6.27 24.76 -1.61
C PRO A 546 -6.37 24.76 -3.13
N ARG A 547 -6.76 23.61 -3.70
CA ARG A 547 -7.04 23.54 -5.14
C ARG A 547 -8.38 24.21 -5.45
N ASP A 548 -8.51 24.72 -6.67
CA ASP A 548 -9.73 25.34 -7.16
C ASP A 548 -10.94 24.40 -7.09
N ASP A 549 -12.11 25.01 -6.80
CA ASP A 549 -13.38 24.32 -6.54
C ASP A 549 -13.93 23.41 -7.62
N ALA A 550 -13.52 23.59 -8.87
CA ALA A 550 -14.02 22.71 -9.92
C ALA A 550 -13.55 21.29 -9.61
N CYS A 551 -12.28 21.17 -9.26
CA CYS A 551 -11.69 19.89 -8.87
C CYS A 551 -12.28 19.34 -7.58
N THR A 552 -12.61 20.21 -6.64
CA THR A 552 -13.18 19.75 -5.39
C THR A 552 -14.51 19.04 -5.65
N ARG A 553 -15.33 19.62 -6.53
CA ARG A 553 -16.58 18.98 -6.93
C ARG A 553 -16.27 17.69 -7.69
N LYS A 554 -15.26 17.77 -8.55
CA LYS A 554 -14.79 16.66 -9.36
C LYS A 554 -14.24 15.52 -8.51
N PHE A 555 -13.60 15.86 -7.40
CA PHE A 555 -12.98 14.86 -6.53
C PHE A 555 -14.00 13.87 -6.00
N TYR A 556 -15.20 14.34 -5.65
CA TYR A 556 -16.26 13.44 -5.20
C TYR A 556 -16.62 12.47 -6.33
N PHE A 557 -16.69 12.99 -7.56
CA PHE A 557 -16.96 12.17 -8.73
C PHE A 557 -15.82 11.16 -8.91
N PHE A 558 -14.58 11.60 -8.70
CA PHE A 558 -13.43 10.71 -8.81
C PHE A 558 -13.60 9.55 -7.82
N VAL A 559 -13.92 9.87 -6.59
CA VAL A 559 -14.13 8.87 -5.54
C VAL A 559 -15.29 7.95 -5.91
N ALA A 560 -16.37 8.51 -6.45
CA ALA A 560 -17.51 7.68 -6.83
C ALA A 560 -17.14 6.66 -7.90
N ILE A 561 -16.48 7.13 -8.96
CA ILE A 561 -16.10 6.22 -10.04
C ILE A 561 -15.08 5.23 -9.53
N GLN A 562 -14.19 5.67 -8.63
CA GLN A 562 -13.23 4.75 -8.05
C GLN A 562 -13.97 3.62 -7.37
N VAL A 563 -14.88 3.97 -6.48
CA VAL A 563 -15.65 2.94 -5.77
C VAL A 563 -16.32 2.01 -6.77
N LEU A 564 -16.87 2.58 -7.84
CA LEU A 564 -17.48 1.75 -8.88
C LEU A 564 -16.46 0.81 -9.51
N ASN A 565 -15.26 1.31 -9.80
CA ASN A 565 -14.22 0.48 -10.38
C ASN A 565 -13.76 -0.59 -9.39
N LEU A 566 -13.66 -0.25 -8.11
CA LEU A 566 -13.28 -1.24 -7.11
C LEU A 566 -14.33 -2.34 -7.02
N PHE A 567 -15.62 -1.98 -7.06
CA PHE A 567 -16.67 -2.98 -7.07
C PHE A 567 -16.60 -3.86 -8.31
N PHE A 568 -16.38 -3.24 -9.48
CA PHE A 568 -16.36 -4.00 -10.73
C PHE A 568 -15.07 -4.77 -10.94
N SER A 569 -14.03 -4.50 -10.14
CA SER A 569 -12.84 -5.34 -10.14
C SER A 569 -12.84 -6.38 -9.04
N ALA A 570 -13.60 -6.16 -7.97
CA ALA A 570 -13.82 -7.20 -6.97
C ALA A 570 -14.88 -8.19 -7.40
N LEU A 571 -15.77 -7.82 -8.30
CA LEU A 571 -16.73 -8.75 -8.88
C LEU A 571 -16.04 -9.79 -9.75
N GLY A 572 -14.81 -9.51 -10.18
CA GLY A 572 -14.03 -10.48 -10.92
C GLY A 572 -12.79 -10.90 -10.15
N GLY A 573 -12.79 -10.72 -8.84
CA GLY A 573 -11.66 -11.08 -8.00
C GLY A 573 -11.64 -12.58 -7.72
N THR A 574 -12.83 -13.15 -7.57
CA THR A 574 -13.03 -14.58 -7.36
C THR A 574 -12.57 -15.36 -8.57
N SER A 575 -12.83 -14.81 -9.75
CA SER A 575 -12.51 -15.41 -11.02
C SER A 575 -11.01 -15.65 -11.27
N HIS A 576 -10.15 -14.82 -10.72
CA HIS A 576 -8.71 -14.97 -10.97
C HIS A 576 -8.18 -16.33 -10.53
N VAL A 577 -8.64 -16.81 -9.38
CA VAL A 577 -8.20 -18.09 -8.85
C VAL A 577 -9.02 -19.26 -9.38
N MET A 578 -10.32 -19.02 -9.55
CA MET A 578 -11.25 -20.03 -10.04
C MET A 578 -10.91 -20.48 -11.46
N LEU A 579 -10.43 -19.56 -12.27
CA LEU A 579 -10.10 -19.91 -13.63
C LEU A 579 -8.81 -20.71 -13.72
N ILE A 580 -7.85 -20.40 -12.85
CA ILE A 580 -6.54 -21.07 -12.92
C ILE A 580 -6.70 -22.58 -12.70
N VAL A 581 -7.53 -22.97 -11.73
CA VAL A 581 -7.66 -24.39 -11.40
C VAL A 581 -8.23 -25.18 -12.57
N LYS A 582 -9.13 -24.57 -13.33
CA LYS A 582 -9.75 -25.27 -14.44
C LYS A 582 -8.88 -25.47 -15.67
N ILE A 583 -7.96 -24.53 -15.92
CA ILE A 583 -7.12 -24.63 -17.11
C ILE A 583 -5.83 -25.40 -16.88
N VAL A 584 -5.68 -25.90 -15.65
CA VAL A 584 -4.52 -26.71 -15.31
C VAL A 584 -4.93 -28.14 -15.00
N GLN A 585 -4.05 -29.10 -15.24
CA GLN A 585 -4.32 -30.51 -15.05
C GLN A 585 -4.92 -30.82 -13.67
N PRO A 586 -5.81 -31.81 -13.56
CA PRO A 586 -6.56 -32.01 -12.31
C PRO A 586 -5.74 -32.56 -11.16
N GLU A 587 -4.43 -32.69 -11.30
CA GLU A 587 -3.56 -33.13 -10.22
C GLU A 587 -2.52 -32.11 -9.82
N LEU A 588 -2.10 -31.23 -10.72
CA LEU A 588 -1.16 -30.16 -10.40
C LEU A 588 -2.10 -28.96 -10.31
N LYS A 589 -2.70 -28.79 -9.14
CA LYS A 589 -3.59 -27.68 -8.89
C LYS A 589 -2.93 -26.84 -7.80
N SER A 590 -2.38 -27.52 -6.81
CA SER A 590 -1.70 -26.87 -5.70
C SER A 590 -0.50 -26.09 -6.20
N LEU A 591 0.24 -26.67 -7.16
CA LEU A 591 1.39 -26.00 -7.73
C LEU A 591 0.90 -24.71 -8.38
N ALA A 592 -0.10 -24.86 -9.24
CA ALA A 592 -0.63 -23.72 -9.97
C ALA A 592 -0.92 -22.53 -9.08
N LEU A 593 -1.64 -22.75 -7.97
CA LEU A 593 -1.98 -21.65 -7.14
C LEU A 593 -0.74 -21.26 -6.36
N GLY A 594 0.35 -22.05 -6.43
CA GLY A 594 1.54 -21.55 -5.76
C GLY A 594 2.45 -20.78 -6.69
N PHE A 595 2.66 -21.27 -7.90
CA PHE A 595 3.51 -20.54 -8.84
C PHE A 595 2.90 -19.19 -9.10
N HIS A 596 1.60 -19.21 -9.37
CA HIS A 596 0.89 -17.99 -9.67
C HIS A 596 0.92 -17.04 -8.49
N SER A 597 0.75 -17.57 -7.28
CA SER A 597 0.79 -16.73 -6.10
C SER A 597 2.17 -16.12 -5.95
N MET A 598 3.21 -16.85 -6.39
CA MET A 598 4.56 -16.30 -6.41
C MET A 598 4.65 -15.21 -7.46
N VAL A 599 4.15 -15.48 -8.68
CA VAL A 599 4.26 -14.50 -9.76
C VAL A 599 3.54 -13.21 -9.43
N ILE A 600 2.39 -13.30 -8.79
CA ILE A 600 1.66 -12.09 -8.43
C ILE A 600 2.53 -11.30 -7.46
N ARG A 601 3.13 -11.95 -6.47
CA ARG A 601 3.93 -11.23 -5.48
C ARG A 601 5.40 -10.95 -5.76
N ALA A 602 6.11 -11.91 -6.37
CA ALA A 602 7.54 -11.75 -6.61
C ALA A 602 7.90 -10.71 -7.61
N LEU A 603 7.20 -10.81 -8.72
CA LEU A 603 7.47 -9.96 -9.87
C LEU A 603 6.52 -8.79 -10.00
N GLY A 604 5.34 -8.88 -9.40
CA GLY A 604 4.40 -7.79 -9.50
C GLY A 604 4.08 -7.05 -8.21
N GLY A 605 4.06 -7.73 -7.07
CA GLY A 605 3.73 -7.06 -5.83
C GLY A 605 4.98 -6.37 -5.31
N ILE A 606 6.11 -7.07 -5.38
CA ILE A 606 7.40 -6.53 -4.95
C ILE A 606 7.91 -5.41 -5.85
N LEU A 607 7.64 -5.54 -7.16
CA LEU A 607 8.10 -4.55 -8.15
C LEU A 607 7.10 -3.45 -8.49
N ALA A 608 5.87 -3.52 -7.99
CA ALA A 608 4.90 -2.49 -8.29
C ALA A 608 5.38 -1.13 -7.79
N PRO A 609 5.55 -0.97 -6.46
CA PRO A 609 6.01 0.35 -6.04
C PRO A 609 7.40 0.73 -6.59
N ILE A 610 8.30 -0.23 -6.76
CA ILE A 610 9.63 0.09 -7.25
C ILE A 610 9.61 0.74 -8.65
N TYR A 611 8.81 0.26 -9.60
CA TYR A 611 8.86 0.91 -10.91
C TYR A 611 7.77 1.95 -11.12
N PHE A 612 6.65 1.83 -10.41
CA PHE A 612 5.63 2.86 -10.52
C PHE A 612 6.28 4.09 -9.92
N GLY A 613 6.87 3.91 -8.73
CA GLY A 613 7.55 4.98 -8.01
C GLY A 613 8.55 5.72 -8.87
N ALA A 614 9.38 4.98 -9.60
CA ALA A 614 10.37 5.61 -10.46
C ALA A 614 9.83 6.55 -11.53
N LEU A 615 8.82 6.14 -12.29
CA LEU A 615 8.27 7.01 -13.31
C LEU A 615 7.63 8.22 -12.61
N ILE A 616 6.97 7.97 -11.49
CA ILE A 616 6.34 9.03 -10.71
C ILE A 616 7.40 9.98 -10.15
N ASP A 617 8.53 9.44 -9.73
CA ASP A 617 9.62 10.23 -9.16
C ASP A 617 10.20 11.26 -10.11
N THR A 618 10.28 10.91 -11.39
CA THR A 618 10.84 11.82 -12.39
C THR A 618 10.07 13.13 -12.50
N THR A 619 8.75 13.03 -12.41
CA THR A 619 7.87 14.19 -12.52
C THR A 619 7.93 15.26 -11.42
N CYS A 620 8.47 14.93 -10.25
CA CYS A 620 8.46 15.89 -9.15
C CYS A 620 9.12 17.24 -9.49
N ILE A 621 8.43 18.35 -9.22
CA ILE A 621 9.00 19.68 -9.45
C ILE A 621 10.13 19.98 -8.46
N LYS A 622 9.96 19.53 -7.21
CA LYS A 622 10.96 19.80 -6.18
C LYS A 622 11.34 18.53 -5.42
N TRP A 623 12.48 18.57 -4.75
CA TRP A 623 12.94 17.41 -3.99
C TRP A 623 13.33 17.81 -2.59
N SER A 624 13.33 16.86 -1.66
CA SER A 624 13.74 17.15 -0.30
C SER A 624 15.15 16.66 -0.11
N THR A 625 16.05 17.55 0.29
CA THR A 625 17.43 17.17 0.51
C THR A 625 17.60 16.52 1.87
N ASN A 626 17.43 15.20 1.95
CA ASN A 626 17.50 14.55 3.25
C ASN A 626 18.93 14.15 3.56
N ASN A 627 19.55 14.83 4.52
CA ASN A 627 20.93 14.53 4.87
C ASN A 627 21.80 14.57 3.62
N CYS A 628 22.64 13.56 3.45
CA CYS A 628 23.49 13.49 2.28
C CYS A 628 22.65 13.42 1.02
N GLY A 629 21.61 12.59 1.04
CA GLY A 629 20.75 12.46 -0.12
C GLY A 629 20.05 13.76 -0.43
N THR A 630 20.08 14.18 -1.69
CA THR A 630 19.42 15.41 -2.09
C THR A 630 18.01 15.13 -2.54
N ARG A 631 17.69 13.85 -2.74
CA ARG A 631 16.36 13.47 -3.19
C ARG A 631 15.52 12.67 -2.21
N GLY A 632 15.76 12.85 -0.93
CA GLY A 632 15.16 12.01 0.08
C GLY A 632 13.68 11.82 -0.17
N SER A 633 12.99 12.89 -0.52
CA SER A 633 11.56 12.81 -0.80
C SER A 633 11.20 13.81 -1.86
N CYS A 634 9.94 13.83 -2.26
CA CYS A 634 9.51 14.84 -3.20
C CYS A 634 8.56 15.72 -2.47
N ARG A 635 8.81 17.01 -2.52
CA ARG A 635 7.98 17.94 -1.80
C ARG A 635 6.66 18.11 -2.55
N THR A 636 6.72 18.13 -3.87
CA THR A 636 5.51 18.29 -4.67
C THR A 636 5.66 17.69 -6.07
N TYR A 637 4.67 16.85 -6.46
CA TYR A 637 4.57 16.22 -7.76
C TYR A 637 3.84 17.16 -8.71
N ASN A 638 4.34 17.33 -9.93
CA ASN A 638 3.68 18.22 -10.89
C ASN A 638 2.30 17.65 -11.13
N SER A 639 1.25 18.45 -11.04
CA SER A 639 -0.08 17.88 -11.21
C SER A 639 -0.32 17.31 -12.60
N THR A 640 0.05 18.05 -13.63
CA THR A 640 -0.16 17.57 -15.00
C THR A 640 0.71 16.37 -15.38
N SER A 641 2.01 16.44 -15.07
CA SER A 641 2.91 15.34 -15.43
C SER A 641 2.67 14.06 -14.65
N PHE A 642 2.49 14.17 -13.33
CA PHE A 642 2.28 12.98 -12.51
C PHE A 642 0.97 12.29 -12.87
N SER A 643 -0.08 13.07 -13.09
CA SER A 643 -1.36 12.48 -13.48
C SER A 643 -1.23 11.80 -14.83
N ARG A 644 -0.52 12.44 -15.75
CA ARG A 644 -0.33 11.91 -17.09
C ARG A 644 0.42 10.58 -17.10
N VAL A 645 1.45 10.44 -16.28
CA VAL A 645 2.23 9.21 -16.27
C VAL A 645 1.64 8.11 -15.38
N TYR A 646 1.13 8.48 -14.20
CA TYR A 646 0.57 7.47 -13.31
C TYR A 646 -0.67 6.81 -13.89
N LEU A 647 -1.57 7.63 -14.44
CA LEU A 647 -2.77 7.12 -15.07
C LEU A 647 -2.44 6.40 -16.37
N GLY A 648 -1.49 6.95 -17.13
CA GLY A 648 -1.07 6.39 -18.40
C GLY A 648 -0.47 5.02 -18.23
N LEU A 649 0.43 4.89 -17.27
CA LEU A 649 1.08 3.63 -17.00
C LEU A 649 0.03 2.60 -16.61
N SER A 650 -0.88 2.99 -15.72
CA SER A 650 -1.92 2.07 -15.27
C SER A 650 -2.83 1.65 -16.42
N SER A 651 -3.24 2.61 -17.25
CA SER A 651 -4.13 2.29 -18.36
C SER A 651 -3.43 1.45 -19.43
N MET A 652 -2.14 1.74 -19.65
CA MET A 652 -1.38 1.02 -20.67
C MET A 652 -1.18 -0.43 -20.27
N LEU A 653 -0.84 -0.65 -19.02
CA LEU A 653 -0.66 -2.03 -18.55
C LEU A 653 -2.00 -2.75 -18.66
N ARG A 654 -3.07 -2.10 -18.23
CA ARG A 654 -4.41 -2.69 -18.30
C ARG A 654 -4.87 -2.92 -19.74
N VAL A 655 -4.57 -1.98 -20.66
CA VAL A 655 -4.97 -2.16 -22.06
C VAL A 655 -4.24 -3.38 -22.67
N SER A 656 -2.98 -3.60 -22.28
CA SER A 656 -2.20 -4.75 -22.71
C SER A 656 -2.86 -6.03 -22.18
N SER A 657 -3.38 -5.95 -20.96
CA SER A 657 -4.06 -7.08 -20.35
C SER A 657 -5.27 -7.47 -21.19
N LEU A 658 -6.04 -6.48 -21.61
CA LEU A 658 -7.22 -6.77 -22.43
C LEU A 658 -6.81 -7.50 -23.70
N VAL A 659 -5.72 -7.05 -24.32
CA VAL A 659 -5.26 -7.68 -25.55
C VAL A 659 -4.94 -9.14 -25.29
N LEU A 660 -4.30 -9.44 -24.16
CA LEU A 660 -3.98 -10.82 -23.83
C LEU A 660 -5.27 -11.60 -23.66
N TYR A 661 -6.25 -11.03 -22.96
CA TYR A 661 -7.52 -11.71 -22.73
C TYR A 661 -8.10 -12.13 -24.05
N ILE A 662 -8.15 -11.23 -25.02
CA ILE A 662 -8.75 -11.59 -26.29
C ILE A 662 -8.05 -12.79 -26.88
N ILE A 663 -6.73 -12.79 -26.82
CA ILE A 663 -5.96 -13.92 -27.33
C ILE A 663 -6.24 -15.16 -26.50
N LEU A 664 -6.33 -14.97 -25.19
CA LEU A 664 -6.58 -16.08 -24.28
C LEU A 664 -7.95 -16.67 -24.54
N ILE A 665 -8.96 -15.82 -24.70
CA ILE A 665 -10.32 -16.29 -24.96
C ILE A 665 -10.40 -16.93 -26.33
N TYR A 666 -9.74 -16.33 -27.33
CA TYR A 666 -9.69 -16.95 -28.65
C TYR A 666 -9.04 -18.33 -28.55
N ALA A 667 -7.97 -18.44 -27.77
CA ALA A 667 -7.27 -19.72 -27.63
C ALA A 667 -8.16 -20.78 -27.01
N MET A 668 -8.87 -20.44 -25.93
CA MET A 668 -9.77 -21.44 -25.34
C MET A 668 -10.92 -21.80 -26.27
N LYS A 669 -11.47 -20.81 -26.98
CA LYS A 669 -12.57 -21.11 -27.90
C LYS A 669 -12.10 -22.05 -29.01
N LYS A 670 -10.88 -21.83 -29.53
CA LYS A 670 -10.34 -22.74 -30.53
C LYS A 670 -10.09 -24.12 -29.94
N LYS A 671 -9.56 -24.19 -28.71
CA LYS A 671 -9.27 -25.47 -28.09
C LYS A 671 -10.53 -26.27 -27.83
N TYR A 672 -11.60 -25.62 -27.37
CA TYR A 672 -12.82 -26.31 -26.99
C TYR A 672 -13.81 -26.35 -28.16
C1 NAG B . 3.58 46.59 7.50
C2 NAG B . 3.30 46.69 9.01
C3 NAG B . 3.02 48.14 9.51
C4 NAG B . 4.16 49.12 9.20
C5 NAG B . 4.35 48.94 7.68
C6 NAG B . 5.52 49.82 7.22
C7 NAG B . 1.10 45.77 8.56
C8 NAG B . 0.87 46.95 7.66
N2 NAG B . 2.17 45.85 9.35
O3 NAG B . 2.79 48.09 10.92
O4 NAG B . 3.93 50.54 9.56
O5 NAG B . 4.61 47.58 7.27
O6 NAG B . 6.73 49.33 7.79
O7 NAG B . 0.35 44.81 8.57
C1 NAG B . 4.29 51.09 10.89
C2 NAG B . 3.36 52.27 11.15
C3 NAG B . 3.53 52.77 12.57
C4 NAG B . 4.53 51.90 13.32
C5 NAG B . 4.24 50.40 13.18
C6 NAG B . 3.07 49.95 14.05
C7 NAG B . 4.90 53.61 9.85
C8 NAG B . 5.18 53.53 8.37
N2 NAG B . 3.65 53.34 10.22
O3 NAG B . 2.25 52.77 13.25
O4 NAG B . 5.84 52.17 12.80
O5 NAG B . 3.99 50.04 11.82
O6 NAG B . 1.84 50.29 13.40
O7 NAG B . 5.76 53.91 10.66
C1 NAG C . -5.39 44.86 7.54
C2 NAG C . -5.21 45.25 9.00
C3 NAG C . -6.35 44.69 9.84
C4 NAG C . -7.68 45.13 9.24
C5 NAG C . -7.74 44.74 7.77
C6 NAG C . -9.04 45.20 7.13
C7 NAG C . -2.80 45.41 9.27
C8 NAG C . -1.98 45.73 10.48
N2 NAG C . -3.94 44.76 9.50
O3 NAG C . -6.24 45.17 11.18
O4 NAG C . -8.75 44.50 9.94
O5 NAG C . -6.64 45.34 7.07
O6 NAG C . -9.13 44.70 5.79
O7 NAG C . -2.43 45.71 8.15
#